data_5WHP
# 
_entry.id   5WHP 
# 
_audit_conform.dict_name       mmcif_pdbx.dic 
_audit_conform.dict_version    5.387 
_audit_conform.dict_location   http://mmcif.pdb.org/dictionaries/ascii/mmcif_pdbx.dic 
# 
loop_
_database_2.database_id 
_database_2.database_code 
_database_2.pdbx_database_accession 
_database_2.pdbx_DOI 
PDB   5WHP         pdb_00005whp 10.2210/pdb5whp/pdb 
WWPDB D_1000229046 ?            ?                   
# 
loop_
_pdbx_audit_revision_history.ordinal 
_pdbx_audit_revision_history.data_content_type 
_pdbx_audit_revision_history.major_revision 
_pdbx_audit_revision_history.minor_revision 
_pdbx_audit_revision_history.revision_date 
1 'Structure model' 1 0 2018-05-23 
2 'Structure model' 1 1 2018-05-30 
3 'Structure model' 1 2 2018-06-06 
4 'Structure model' 1 3 2018-06-20 
5 'Structure model' 1 4 2019-12-18 
6 'Structure model' 1 5 2020-01-15 
7 'Structure model' 1 6 2024-03-13 
# 
_pdbx_audit_revision_details.ordinal             1 
_pdbx_audit_revision_details.revision_ordinal    1 
_pdbx_audit_revision_details.data_content_type   'Structure model' 
_pdbx_audit_revision_details.provider            repository 
_pdbx_audit_revision_details.type                'Initial release' 
_pdbx_audit_revision_details.description         ? 
_pdbx_audit_revision_details.details             ? 
# 
loop_
_pdbx_audit_revision_group.ordinal 
_pdbx_audit_revision_group.revision_ordinal 
_pdbx_audit_revision_group.data_content_type 
_pdbx_audit_revision_group.group 
1  2 'Structure model' 'Data collection'            
2  2 'Structure model' 'Database references'        
3  3 'Structure model' 'Data collection'            
4  3 'Structure model' 'Database references'        
5  4 'Structure model' 'Data collection'            
6  4 'Structure model' 'Database references'        
7  5 'Structure model' 'Author supporting evidence' 
8  6 'Structure model' 'Data collection'            
9  7 'Structure model' 'Data collection'            
10 7 'Structure model' 'Database references'        
# 
loop_
_pdbx_audit_revision_category.ordinal 
_pdbx_audit_revision_category.revision_ordinal 
_pdbx_audit_revision_category.data_content_type 
_pdbx_audit_revision_category.category 
1  2 'Structure model' citation           
2  2 'Structure model' citation_author    
3  3 'Structure model' citation           
4  3 'Structure model' citation_author    
5  4 'Structure model' citation           
6  5 'Structure model' pdbx_audit_support 
7  6 'Structure model' reflns_shell       
8  7 'Structure model' chem_comp_atom     
9  7 'Structure model' chem_comp_bond     
10 7 'Structure model' database_2         
# 
loop_
_pdbx_audit_revision_item.ordinal 
_pdbx_audit_revision_item.revision_ordinal 
_pdbx_audit_revision_item.data_content_type 
_pdbx_audit_revision_item.item 
1  2 'Structure model' '_citation.country'                        
2  2 'Structure model' '_citation.journal_abbrev'                 
3  2 'Structure model' '_citation.journal_id_CSD'                 
4  2 'Structure model' '_citation.journal_id_ISSN'                
5  2 'Structure model' '_citation.pdbx_database_id_DOI'           
6  2 'Structure model' '_citation.title'                          
7  2 'Structure model' '_citation.year'                           
8  3 'Structure model' '_citation.journal_abbrev'                 
9  3 'Structure model' '_citation.pdbx_database_id_PubMed'        
10 3 'Structure model' '_citation.title'                          
11 3 'Structure model' '_citation_author.name'                    
12 4 'Structure model' '_citation.journal_volume'                 
13 4 'Structure model' '_citation.page_first'                     
14 4 'Structure model' '_citation.page_last'                      
15 5 'Structure model' '_pdbx_audit_support.funding_organization' 
16 6 'Structure model' '_reflns_shell.percent_possible_all'       
17 7 'Structure model' '_database_2.pdbx_DOI'                     
18 7 'Structure model' '_database_2.pdbx_database_accession'      
# 
_pdbx_database_status.status_code                     REL 
_pdbx_database_status.status_code_sf                  REL 
_pdbx_database_status.status_code_mr                  ? 
_pdbx_database_status.entry_id                        5WHP 
_pdbx_database_status.recvd_initial_deposition_date   2017-07-17 
_pdbx_database_status.SG_entry                        N 
_pdbx_database_status.deposit_site                    RCSB 
_pdbx_database_status.process_site                    RCSB 
_pdbx_database_status.status_code_cs                  ? 
_pdbx_database_status.methods_development_category    ? 
_pdbx_database_status.pdb_format_compatible           Y 
_pdbx_database_status.status_code_nmr_data            ? 
# 
loop_
_audit_author.name 
_audit_author.pdbx_ordinal 
_audit_author.identifier_ORCID 
'Guenther, E.L.'  1 ?                   
'Sawaya, M.R.'    2 0000-0003-0874-9043 
'Eisenberg, D.S.' 3 ?                   
# 
_citation.abstract                  ? 
_citation.abstract_id_CAS           ? 
_citation.book_id_ISBN              ? 
_citation.book_publisher            ? 
_citation.book_publisher_city       ? 
_citation.book_title                ? 
_citation.coordinate_linkage        ? 
_citation.country                   US 
_citation.database_id_Medline       ? 
_citation.details                   ? 
_citation.id                        primary 
_citation.journal_abbrev            'Nat. Struct. Mol. Biol.' 
_citation.journal_id_ASTM           ? 
_citation.journal_id_CSD            ? 
_citation.journal_id_ISSN           1545-9985 
_citation.journal_full              ? 
_citation.journal_issue             ? 
_citation.journal_volume            25 
_citation.language                  ? 
_citation.page_first                463 
_citation.page_last                 471 
_citation.title                     
'Atomic structures of TDP-43 LCD segments and insights into reversible or pathogenic aggregation.' 
_citation.year                      2018 
_citation.database_id_CSD           ? 
_citation.pdbx_database_id_DOI      10.1038/s41594-018-0064-2 
_citation.pdbx_database_id_PubMed   29786080 
_citation.unpublished_flag          ? 
# 
loop_
_citation_author.citation_id 
_citation_author.name 
_citation_author.ordinal 
_citation_author.identifier_ORCID 
primary 'Guenther, E.L.'  1  ? 
primary 'Cao, Q.'         2  ? 
primary 'Trinh, H.'       3  ? 
primary 'Lu, J.'          4  ? 
primary 'Sawaya, M.R.'    5  ? 
primary 'Cascio, D.'      6  ? 
primary 'Boyer, D.R.'     7  ? 
primary 'Rodriguez, J.A.' 8  ? 
primary 'Hughes, M.P.'    9  ? 
primary 'Eisenberg, D.S.' 10 ? 
# 
loop_
_entity.id 
_entity.type 
_entity.src_method 
_entity.pdbx_description 
_entity.formula_weight 
_entity.pdbx_number_of_molecules 
_entity.pdbx_ec 
_entity.pdbx_mutation 
_entity.pdbx_fragment 
_entity.details 
1 polymer syn 'Segment of TAR DNA-binding protein 43' 671.699 1 ? A315T 'UNP residues 312-317' ? 
2 water   nat water                                   18.015  3 ? ?     ?                      ? 
# 
_entity_name_com.entity_id   1 
_entity_name_com.name        TDP-43 
# 
_entity_poly.entity_id                      1 
_entity_poly.type                           'polypeptide(L)' 
_entity_poly.nstd_linkage                   no 
_entity_poly.nstd_monomer                   no 
_entity_poly.pdbx_seq_one_letter_code       NFGTFS 
_entity_poly.pdbx_seq_one_letter_code_can   NFGTFS 
_entity_poly.pdbx_strand_id                 A 
_entity_poly.pdbx_target_identifier         ? 
# 
_pdbx_entity_nonpoly.entity_id   2 
_pdbx_entity_nonpoly.name        water 
_pdbx_entity_nonpoly.comp_id     HOH 
# 
loop_
_entity_poly_seq.entity_id 
_entity_poly_seq.num 
_entity_poly_seq.mon_id 
_entity_poly_seq.hetero 
1 1 ASN n 
1 2 PHE n 
1 3 GLY n 
1 4 THR n 
1 5 PHE n 
1 6 SER n 
# 
_pdbx_entity_src_syn.entity_id              1 
_pdbx_entity_src_syn.pdbx_src_id            1 
_pdbx_entity_src_syn.pdbx_alt_source_flag   sample 
_pdbx_entity_src_syn.pdbx_beg_seq_num       1 
_pdbx_entity_src_syn.pdbx_end_seq_num       6 
_pdbx_entity_src_syn.organism_scientific    'Homo sapiens' 
_pdbx_entity_src_syn.organism_common_name   Human 
_pdbx_entity_src_syn.ncbi_taxonomy_id       9606 
_pdbx_entity_src_syn.details                'Synthetic peptide NFGTFS corresponding tosegment 312-317 of TDP-43' 
# 
loop_
_chem_comp.id 
_chem_comp.type 
_chem_comp.mon_nstd_flag 
_chem_comp.name 
_chem_comp.pdbx_synonyms 
_chem_comp.formula 
_chem_comp.formula_weight 
ALA 'L-peptide linking' y ALANINE       ? 'C3 H7 N O2'  89.093  
ASN 'L-peptide linking' y ASPARAGINE    ? 'C4 H8 N2 O3' 132.118 
GLY 'peptide linking'   y GLYCINE       ? 'C2 H5 N O2'  75.067  
HOH non-polymer         . WATER         ? 'H2 O'        18.015  
PHE 'L-peptide linking' y PHENYLALANINE ? 'C9 H11 N O2' 165.189 
SER 'L-peptide linking' y SERINE        ? 'C3 H7 N O3'  105.093 
THR 'L-peptide linking' y THREONINE     ? 'C4 H9 N O3'  119.119 
# 
loop_
_pdbx_poly_seq_scheme.asym_id 
_pdbx_poly_seq_scheme.entity_id 
_pdbx_poly_seq_scheme.seq_id 
_pdbx_poly_seq_scheme.mon_id 
_pdbx_poly_seq_scheme.ndb_seq_num 
_pdbx_poly_seq_scheme.pdb_seq_num 
_pdbx_poly_seq_scheme.auth_seq_num 
_pdbx_poly_seq_scheme.pdb_mon_id 
_pdbx_poly_seq_scheme.auth_mon_id 
_pdbx_poly_seq_scheme.pdb_strand_id 
_pdbx_poly_seq_scheme.pdb_ins_code 
_pdbx_poly_seq_scheme.hetero 
A 1 1 ASN 1 312 1 ASN ASN A . n 
A 1 2 PHE 2 313 2 PHE PHE A . n 
A 1 3 GLY 3 314 3 GLY GLY A . n 
A 1 4 THR 4 315 4 THR THR A . n 
A 1 5 PHE 5 316 5 PHE PHE A . n 
A 1 6 SER 6 317 6 SER SER A . n 
# 
loop_
_pdbx_nonpoly_scheme.asym_id 
_pdbx_nonpoly_scheme.entity_id 
_pdbx_nonpoly_scheme.mon_id 
_pdbx_nonpoly_scheme.ndb_seq_num 
_pdbx_nonpoly_scheme.pdb_seq_num 
_pdbx_nonpoly_scheme.auth_seq_num 
_pdbx_nonpoly_scheme.pdb_mon_id 
_pdbx_nonpoly_scheme.auth_mon_id 
_pdbx_nonpoly_scheme.pdb_strand_id 
_pdbx_nonpoly_scheme.pdb_ins_code 
B 2 HOH 1 101 1 HOH HOH A . 
B 2 HOH 2 102 3 HOH HOH A . 
B 2 HOH 3 103 2 HOH HOH A . 
# 
loop_
_software.citation_id 
_software.classification 
_software.compiler_name 
_software.compiler_version 
_software.contact_author 
_software.contact_author_email 
_software.date 
_software.description 
_software.dependencies 
_software.hardware 
_software.language 
_software.location 
_software.mods 
_software.name 
_software.os 
_software.os_version 
_software.type 
_software.version 
_software.pdbx_ordinal 
? 'data scaling'    ? ? ? ? ? ? ? ? ? ? ? XSCALE      ? ? ? .        1 
? refinement        ? ? ? ? ? ? ? ? ? ? ? REFMAC      ? ? ? 5.7.0032 2 
? 'data extraction' ? ? ? ? ? ? ? ? ? ? ? PDB_EXTRACT ? ? ? 3.22     3 
? phasing           ? ? ? ? ? ? ? ? ? ? ? SHELXD      ? ? ? .        4 
? 'data reduction'  ? ? ? ? ? ? ? ? ? ? ? XDS         ? ? ? .        5 
# 
_cell.angle_alpha                  90.000 
_cell.angle_alpha_esd              ? 
_cell.angle_beta                   96.910 
_cell.angle_beta_esd               ? 
_cell.angle_gamma                  90.000 
_cell.angle_gamma_esd              ? 
_cell.entry_id                     5WHP 
_cell.details                      ? 
_cell.formula_units_Z              ? 
_cell.length_a                     15.330 
_cell.length_a_esd                 ? 
_cell.length_b                     4.840 
_cell.length_b_esd                 ? 
_cell.length_c                     23.570 
_cell.length_c_esd                 ? 
_cell.volume                       ? 
_cell.volume_esd                   ? 
_cell.Z_PDB                        2 
_cell.reciprocal_angle_alpha       ? 
_cell.reciprocal_angle_beta        ? 
_cell.reciprocal_angle_gamma       ? 
_cell.reciprocal_angle_alpha_esd   ? 
_cell.reciprocal_angle_beta_esd    ? 
_cell.reciprocal_angle_gamma_esd   ? 
_cell.reciprocal_length_a          ? 
_cell.reciprocal_length_b          ? 
_cell.reciprocal_length_c          ? 
_cell.reciprocal_length_a_esd      ? 
_cell.reciprocal_length_b_esd      ? 
_cell.reciprocal_length_c_esd      ? 
_cell.pdbx_unique_axis             ? 
# 
_symmetry.entry_id                         5WHP 
_symmetry.cell_setting                     ? 
_symmetry.Int_Tables_number                4 
_symmetry.space_group_name_Hall            ? 
_symmetry.space_group_name_H-M             'P 1 21 1' 
_symmetry.pdbx_full_space_group_name_H-M   ? 
# 
_exptl.absorpt_coefficient_mu     ? 
_exptl.absorpt_correction_T_max   ? 
_exptl.absorpt_correction_T_min   ? 
_exptl.absorpt_correction_type    ? 
_exptl.absorpt_process_details    ? 
_exptl.entry_id                   5WHP 
_exptl.crystals_number            1 
_exptl.details                    ? 
_exptl.method                     'X-RAY DIFFRACTION' 
_exptl.method_details             ? 
# 
_exptl_crystal.colour                      ? 
_exptl_crystal.density_diffrn              ? 
_exptl_crystal.density_Matthews            ? 
_exptl_crystal.density_method              ? 
_exptl_crystal.density_percent_sol         ? 
_exptl_crystal.description                 ? 
_exptl_crystal.F_000                       ? 
_exptl_crystal.id                          1 
_exptl_crystal.preparation                 ? 
_exptl_crystal.size_max                    ? 
_exptl_crystal.size_mid                    ? 
_exptl_crystal.size_min                    ? 
_exptl_crystal.size_rad                    ? 
_exptl_crystal.colour_lustre               ? 
_exptl_crystal.colour_modifier             ? 
_exptl_crystal.colour_primary              ? 
_exptl_crystal.density_meas                ? 
_exptl_crystal.density_meas_esd            ? 
_exptl_crystal.density_meas_gt             ? 
_exptl_crystal.density_meas_lt             ? 
_exptl_crystal.density_meas_temp           ? 
_exptl_crystal.density_meas_temp_esd       ? 
_exptl_crystal.density_meas_temp_gt        ? 
_exptl_crystal.density_meas_temp_lt        ? 
_exptl_crystal.pdbx_crystal_image_url      ? 
_exptl_crystal.pdbx_crystal_image_format   ? 
_exptl_crystal.pdbx_mosaicity              ? 
_exptl_crystal.pdbx_mosaicity_esd          ? 
# 
_exptl_crystal_grow.apparatus       ? 
_exptl_crystal_grow.atmosphere      ? 
_exptl_crystal_grow.crystal_id      1 
_exptl_crystal_grow.details         ? 
_exptl_crystal_grow.method          'VAPOR DIFFUSION, HANGING DROP' 
_exptl_crystal_grow.method_ref      ? 
_exptl_crystal_grow.pH              4.6 
_exptl_crystal_grow.pressure        ? 
_exptl_crystal_grow.pressure_esd    ? 
_exptl_crystal_grow.seeding         ? 
_exptl_crystal_grow.seeding_ref     ? 
_exptl_crystal_grow.temp            298 
_exptl_crystal_grow.temp_details    ? 
_exptl_crystal_grow.temp_esd        ? 
_exptl_crystal_grow.time            ? 
_exptl_crystal_grow.pdbx_details    '100mM sodium acetate 4.6, 200mM ammonium acetate, 30% PEG 4000' 
_exptl_crystal_grow.pdbx_pH_range   ? 
# 
_diffrn.ambient_environment    ? 
_diffrn.ambient_temp           100 
_diffrn.ambient_temp_details   ? 
_diffrn.ambient_temp_esd       ? 
_diffrn.crystal_id             1 
_diffrn.crystal_support        ? 
_diffrn.crystal_treatment      ? 
_diffrn.details                ? 
_diffrn.id                     1 
_diffrn.ambient_pressure       ? 
_diffrn.ambient_pressure_esd   ? 
_diffrn.ambient_pressure_gt    ? 
_diffrn.ambient_pressure_lt    ? 
_diffrn.ambient_temp_gt        ? 
_diffrn.ambient_temp_lt        ? 
# 
_diffrn_detector.details                      ? 
_diffrn_detector.detector                     CCD 
_diffrn_detector.diffrn_id                    1 
_diffrn_detector.type                         'ADSC QUANTUM 315' 
_diffrn_detector.area_resol_mean              ? 
_diffrn_detector.dtime                        ? 
_diffrn_detector.pdbx_frames_total            ? 
_diffrn_detector.pdbx_collection_time_total   ? 
_diffrn_detector.pdbx_collection_date         2014-10-16 
# 
_diffrn_radiation.collimation                      ? 
_diffrn_radiation.diffrn_id                        1 
_diffrn_radiation.filter_edge                      ? 
_diffrn_radiation.inhomogeneity                    ? 
_diffrn_radiation.monochromator                    ? 
_diffrn_radiation.polarisn_norm                    ? 
_diffrn_radiation.polarisn_ratio                   ? 
_diffrn_radiation.probe                            ? 
_diffrn_radiation.type                             ? 
_diffrn_radiation.xray_symbol                      ? 
_diffrn_radiation.wavelength_id                    1 
_diffrn_radiation.pdbx_monochromatic_or_laue_m_l   M 
_diffrn_radiation.pdbx_wavelength_list             ? 
_diffrn_radiation.pdbx_wavelength                  ? 
_diffrn_radiation.pdbx_diffrn_protocol             'SINGLE WAVELENGTH' 
_diffrn_radiation.pdbx_analyzer                    ? 
_diffrn_radiation.pdbx_scattering_type             x-ray 
# 
_diffrn_radiation_wavelength.id           1 
_diffrn_radiation_wavelength.wavelength   0.9791 
_diffrn_radiation_wavelength.wt           1.0 
# 
_diffrn_source.current                     ? 
_diffrn_source.details                     ? 
_diffrn_source.diffrn_id                   1 
_diffrn_source.power                       ? 
_diffrn_source.size                        ? 
_diffrn_source.source                      SYNCHROTRON 
_diffrn_source.target                      ? 
_diffrn_source.type                        'APS BEAMLINE 24-ID-E' 
_diffrn_source.voltage                     ? 
_diffrn_source.take-off_angle              ? 
_diffrn_source.pdbx_wavelength_list        0.9791 
_diffrn_source.pdbx_wavelength             ? 
_diffrn_source.pdbx_synchrotron_beamline   24-ID-E 
_diffrn_source.pdbx_synchrotron_site       APS 
# 
_reflns.B_iso_Wilson_estimate            4.863 
_reflns.entry_id                         5WHP 
_reflns.data_reduction_details           ? 
_reflns.data_reduction_method            ? 
_reflns.d_resolution_high                1.000 
_reflns.d_resolution_low                 15.220 
_reflns.details                          ? 
_reflns.limit_h_max                      ? 
_reflns.limit_h_min                      ? 
_reflns.limit_k_max                      ? 
_reflns.limit_k_min                      ? 
_reflns.limit_l_max                      ? 
_reflns.limit_l_min                      ? 
_reflns.number_all                       ? 
_reflns.number_obs                       1823 
_reflns.observed_criterion               ? 
_reflns.observed_criterion_F_max         ? 
_reflns.observed_criterion_F_min         ? 
_reflns.observed_criterion_I_max         ? 
_reflns.observed_criterion_I_min         ? 
_reflns.observed_criterion_sigma_F       ? 
_reflns.observed_criterion_sigma_I       -3.000 
_reflns.percent_possible_obs             87.600 
_reflns.R_free_details                   ? 
_reflns.Rmerge_F_all                     ? 
_reflns.Rmerge_F_obs                     ? 
_reflns.Friedel_coverage                 ? 
_reflns.number_gt                        ? 
_reflns.threshold_expression             ? 
_reflns.pdbx_redundancy                  4.918 
_reflns.pdbx_Rmerge_I_obs                0.086 
_reflns.pdbx_Rmerge_I_all                ? 
_reflns.pdbx_Rsym_value                  ? 
_reflns.pdbx_netI_over_av_sigmaI         ? 
_reflns.pdbx_netI_over_sigmaI            14.970 
_reflns.pdbx_res_netI_over_av_sigmaI_2   ? 
_reflns.pdbx_res_netI_over_sigmaI_2      ? 
_reflns.pdbx_chi_squared                 0.959 
_reflns.pdbx_scaling_rejects             ? 
_reflns.pdbx_d_res_high_opt              ? 
_reflns.pdbx_d_res_low_opt               ? 
_reflns.pdbx_d_res_opt_method            ? 
_reflns.phase_calculation_details        ? 
_reflns.pdbx_Rrim_I_all                  0.096 
_reflns.pdbx_Rpim_I_all                  ? 
_reflns.pdbx_d_opt                       ? 
_reflns.pdbx_number_measured_all         ? 
_reflns.pdbx_diffrn_id                   1 
_reflns.pdbx_ordinal                     1 
_reflns.pdbx_CC_half                     0.993 
_reflns.pdbx_R_split                     ? 
# 
loop_
_reflns_shell.d_res_high 
_reflns_shell.d_res_low 
_reflns_shell.meanI_over_sigI_all 
_reflns_shell.meanI_over_sigI_obs 
_reflns_shell.number_measured_all 
_reflns_shell.number_measured_obs 
_reflns_shell.number_possible 
_reflns_shell.number_unique_all 
_reflns_shell.number_unique_obs 
_reflns_shell.percent_possible_all 
_reflns_shell.percent_possible_obs 
_reflns_shell.Rmerge_F_all 
_reflns_shell.Rmerge_F_obs 
_reflns_shell.Rmerge_I_all 
_reflns_shell.Rmerge_I_obs 
_reflns_shell.meanI_over_sigI_gt 
_reflns_shell.meanI_over_uI_all 
_reflns_shell.meanI_over_uI_gt 
_reflns_shell.number_measured_gt 
_reflns_shell.number_unique_gt 
_reflns_shell.percent_possible_gt 
_reflns_shell.Rmerge_F_gt 
_reflns_shell.Rmerge_I_gt 
_reflns_shell.pdbx_redundancy 
_reflns_shell.pdbx_Rsym_value 
_reflns_shell.pdbx_chi_squared 
_reflns_shell.pdbx_netI_over_sigmaI_all 
_reflns_shell.pdbx_netI_over_sigmaI_obs 
_reflns_shell.pdbx_Rrim_I_all 
_reflns_shell.pdbx_Rpim_I_all 
_reflns_shell.pdbx_rejects 
_reflns_shell.pdbx_ordinal 
_reflns_shell.pdbx_diffrn_id 
_reflns_shell.pdbx_CC_half 
_reflns_shell.pdbx_R_split 
1.000 1.030  ? 7.590  ? ? ? ? 57  37.000  ? ? ? ? 0.104 ? ? ? ? ? ? ? ? 2.842 ? ? ? ? 0.125 ? ? 1  1 0.980 ? 
1.030 1.060  ? 8.940  ? ? ? ? 90  56.600  ? ? ? ? 0.091 ? ? ? ? ? ? ? ? 3.278 ? ? ? ? 0.108 ? ? 2  1 0.991 ? 
1.060 1.100  ? 10.820 ? ? ? ? 106 71.100  ? ? ? ? 0.087 ? ? ? ? ? ? ? ? 3.387 ? ? ? ? 0.103 ? ? 3  1 0.989 ? 
1.100 1.140  ? 12.570 ? ? ? ? 149 95.500  ? ? ? ? 0.104 ? ? ? ? ? ? ? ? 4.262 ? ? ? ? 0.118 ? ? 4  1 0.989 ? 
1.140 1.180  ? 13.840 ? ? ? ? 157 99.400  ? ? ? ? 0.106 ? ? ? ? ? ? ? ? 4.866 ? ? ? ? 0.119 ? ? 5  1 0.988 ? 
1.180 1.230  ? 14.650 ? ? ? ? 131 92.900  ? ? ? ? 0.097 ? ? ? ? ? ? ? ? 5.366 ? ? ? ? 0.106 ? ? 6  1 0.993 ? 
1.230 1.280  ? 15.400 ? ? ? ? 127 100.000 ? ? ? ? 0.094 ? ? ? ? ? ? ? ? 5.591 ? ? ? ? 0.103 ? ? 7  1 0.990 ? 
1.280 1.340  ? 16.090 ? ? ? ? 127 100.000 ? ? ? ? 0.088 ? ? ? ? ? ? ? ? 5.591 ? ? ? ? 0.098 ? ? 8  1 0.991 ? 
1.340 1.420  ? 15.000 ? ? ? ? 128 99.200  ? ? ? ? 0.086 ? ? ? ? ? ? ? ? 5.422 ? ? ? ? 0.096 ? ? 9  1 0.995 ? 
1.420 1.500  ? 16.680 ? ? ? ? 124 100.000 ? ? ? ? 0.087 ? ? ? ? ? ? ? ? 5.484 ? ? ? ? 0.097 ? ? 10 1 0.992 ? 
1.500 1.610  ? 16.730 ? ? ? ? 122 100.000 ? ? ? ? 0.077 ? ? ? ? ? ? ? ? 5.262 ? ? ? ? 0.086 ? ? 11 1 0.993 ? 
1.610 1.730  ? 17.470 ? ? ? ? 91  98.900  ? ? ? ? 0.088 ? ? ? ? ? ? ? ? 5.582 ? ? ? ? 0.097 ? ? 12 1 0.995 ? 
1.730 1.900  ? 17.930 ? ? ? ? 96  100.000 ? ? ? ? 0.085 ? ? ? ? ? ? ? ? 5.573 ? ? ? ? 0.093 ? ? 13 1 0.994 ? 
1.900 2.120  ? 17.980 ? ? ? ? 90  100.000 ? ? ? ? 0.087 ? ? ? ? ? ? ? ? 5.422 ? ? ? ? 0.095 ? ? 14 1 0.989 ? 
2.120 2.450  ? 17.970 ? ? ? ? 91  97.800  ? ? ? ? 0.085 ? ? ? ? ? ? ? ? 5.088 ? ? ? ? 0.095 ? ? 15 1 0.987 ? 
2.450 3.000  ? 18.000 ? ? ? ? 65  97.000  ? ? ? ? 0.072 ? ? ? ? ? ? ? ? 4.938 ? ? ? ? 0.082 ? ? 16 1 0.992 ? 
3.000 4.250  ? 17.040 ? ? ? ? 49  81.700  ? ? ? ? 0.075 ? ? ? ? ? ? ? ? 4.490 ? ? ? ? 0.085 ? ? 17 1 0.989 ? 
4.250 15.220 ? 14.570 ? ? ? ? 23  62.200  ? ? ? ? 0.068 ? ? ? ? ? ? ? ? 3.348 ? ? ? ? 0.083 ? ? 18 1 0.989 ? 
# 
_refine.aniso_B[1][1]                            0.1900 
_refine.aniso_B[1][2]                            -0.0000 
_refine.aniso_B[1][3]                            -0.1700 
_refine.aniso_B[2][2]                            0.0700 
_refine.aniso_B[2][3]                            0.0000 
_refine.aniso_B[3][3]                            -0.2300 
_refine.B_iso_max                                36.250 
_refine.B_iso_mean                               2.6260 
_refine.B_iso_min                                2.000 
_refine.correlation_coeff_Fo_to_Fc               0.9860 
_refine.correlation_coeff_Fo_to_Fc_free          0.9830 
_refine.details                                  
'HYDROGENS HAVE BEEN ADDED IN THE RIDING POSITIONS U VALUES      : REFINED INDIVIDUALLY' 
_refine.diff_density_max                         ? 
_refine.diff_density_max_esd                     ? 
_refine.diff_density_min                         ? 
_refine.diff_density_min_esd                     ? 
_refine.diff_density_rms                         ? 
_refine.diff_density_rms_esd                     ? 
_refine.entry_id                                 5WHP 
_refine.pdbx_refine_id                           'X-RAY DIFFRACTION' 
_refine.ls_abs_structure_details                 ? 
_refine.ls_abs_structure_Flack                   ? 
_refine.ls_abs_structure_Flack_esd               ? 
_refine.ls_abs_structure_Rogers                  ? 
_refine.ls_abs_structure_Rogers_esd              ? 
_refine.ls_d_res_high                            1.0000 
_refine.ls_d_res_low                             15.2200 
_refine.ls_extinction_coef                       ? 
_refine.ls_extinction_coef_esd                   ? 
_refine.ls_extinction_expression                 ? 
_refine.ls_extinction_method                     ? 
_refine.ls_goodness_of_fit_all                   ? 
_refine.ls_goodness_of_fit_all_esd               ? 
_refine.ls_goodness_of_fit_obs                   ? 
_refine.ls_goodness_of_fit_obs_esd               ? 
_refine.ls_hydrogen_treatment                    ? 
_refine.ls_matrix_type                           ? 
_refine.ls_number_constraints                    ? 
_refine.ls_number_parameters                     ? 
_refine.ls_number_reflns_all                     ? 
_refine.ls_number_reflns_obs                     1639 
_refine.ls_number_reflns_R_free                  183 
_refine.ls_number_reflns_R_work                  ? 
_refine.ls_number_restraints                     ? 
_refine.ls_percent_reflns_obs                    87.6800 
_refine.ls_percent_reflns_R_free                 10.0000 
_refine.ls_R_factor_all                          ? 
_refine.ls_R_factor_obs                          0.0873 
_refine.ls_R_factor_R_free                       0.0929 
_refine.ls_R_factor_R_free_error                 ? 
_refine.ls_R_factor_R_free_error_details         ? 
_refine.ls_R_factor_R_work                       0.0866 
_refine.ls_R_Fsqd_factor_obs                     ? 
_refine.ls_R_I_factor_obs                        ? 
_refine.ls_redundancy_reflns_all                 ? 
_refine.ls_redundancy_reflns_obs                 ? 
_refine.ls_restrained_S_all                      ? 
_refine.ls_restrained_S_obs                      ? 
_refine.ls_shift_over_esd_max                    ? 
_refine.ls_shift_over_esd_mean                   ? 
_refine.ls_structure_factor_coef                 ? 
_refine.ls_weighting_details                     ? 
_refine.ls_weighting_scheme                      ? 
_refine.ls_wR_factor_all                         ? 
_refine.ls_wR_factor_obs                         ? 
_refine.ls_wR_factor_R_free                      ? 
_refine.ls_wR_factor_R_work                      ? 
_refine.occupancy_max                            ? 
_refine.occupancy_min                            ? 
_refine.solvent_model_details                    ? 
_refine.solvent_model_param_bsol                 ? 
_refine.solvent_model_param_ksol                 ? 
_refine.ls_R_factor_gt                           ? 
_refine.ls_goodness_of_fit_gt                    ? 
_refine.ls_goodness_of_fit_ref                   ? 
_refine.ls_shift_over_su_max                     ? 
_refine.ls_shift_over_su_max_lt                  ? 
_refine.ls_shift_over_su_mean                    ? 
_refine.ls_shift_over_su_mean_lt                 ? 
_refine.pdbx_ls_sigma_I                          ? 
_refine.pdbx_ls_sigma_F                          0.000 
_refine.pdbx_ls_sigma_Fsqd                       ? 
_refine.pdbx_data_cutoff_high_absF               ? 
_refine.pdbx_data_cutoff_high_rms_absF           ? 
_refine.pdbx_data_cutoff_low_absF                ? 
_refine.pdbx_isotropic_thermal_model             ? 
_refine.pdbx_ls_cross_valid_method               THROUGHOUT 
_refine.pdbx_method_to_determine_struct          'AB INITIO PHASING' 
_refine.pdbx_starting_model                      ? 
_refine.pdbx_stereochemistry_target_values       ? 
_refine.pdbx_R_Free_selection_details            RANDOM 
_refine.pdbx_stereochem_target_val_spec_case     ? 
_refine.pdbx_overall_ESU_R                       0.0200 
_refine.pdbx_overall_ESU_R_Free                  0.0180 
_refine.pdbx_solvent_vdw_probe_radii             1.2000 
_refine.pdbx_solvent_ion_probe_radii             0.8000 
_refine.pdbx_solvent_shrinkage_radii             0.8000 
_refine.pdbx_real_space_R                        ? 
_refine.pdbx_density_correlation                 ? 
_refine.pdbx_pd_number_of_powder_patterns        ? 
_refine.pdbx_pd_number_of_points                 ? 
_refine.pdbx_pd_meas_number_of_points            ? 
_refine.pdbx_pd_proc_ls_prof_R_factor            ? 
_refine.pdbx_pd_proc_ls_prof_wR_factor           ? 
_refine.pdbx_pd_Marquardt_correlation_coeff      ? 
_refine.pdbx_pd_Fsqrd_R_factor                   ? 
_refine.pdbx_pd_ls_matrix_band_width             ? 
_refine.pdbx_overall_phase_error                 ? 
_refine.pdbx_overall_SU_R_free_Cruickshank_DPI   ? 
_refine.pdbx_overall_SU_R_free_Blow_DPI          ? 
_refine.pdbx_overall_SU_R_Blow_DPI               ? 
_refine.pdbx_TLS_residual_ADP_flag               ? 
_refine.pdbx_diffrn_id                           1 
_refine.overall_SU_B                             0.4360 
_refine.overall_SU_ML                            0.0100 
_refine.overall_SU_R_Cruickshank_DPI             ? 
_refine.overall_SU_R_free                        ? 
_refine.overall_FOM_free_R_set                   ? 
_refine.overall_FOM_work_R_set                   ? 
_refine.pdbx_average_fsc_overall                 ? 
_refine.pdbx_average_fsc_work                    ? 
_refine.pdbx_average_fsc_free                    ? 
# 
_refine_hist.cycle_id                         final 
_refine_hist.pdbx_refine_id                   'X-RAY DIFFRACTION' 
_refine_hist.d_res_high                       1.0000 
_refine_hist.d_res_low                        15.2200 
_refine_hist.pdbx_number_atoms_ligand         0 
_refine_hist.number_atoms_solvent             3 
_refine_hist.number_atoms_total               51 
_refine_hist.pdbx_number_residues_total       6 
_refine_hist.pdbx_B_iso_mean_solvent          14.75 
_refine_hist.pdbx_number_atoms_protein        48 
_refine_hist.pdbx_number_atoms_nucleic_acid   0 
# 
loop_
_refine_ls_restr.pdbx_refine_id 
_refine_ls_restr.criterion 
_refine_ls_restr.dev_ideal 
_refine_ls_restr.dev_ideal_target 
_refine_ls_restr.number 
_refine_ls_restr.rejects 
_refine_ls_restr.type 
_refine_ls_restr.weight 
_refine_ls_restr.pdbx_restraint_function 
'X-RAY DIFFRACTION' ? 0.019  0.020  49 ? r_bond_refined_d       ? ? 
'X-RAY DIFFRACTION' ? 0.001  0.020  39 ? r_bond_other_d         ? ? 
'X-RAY DIFFRACTION' ? 1.790  1.874  65 ? r_angle_refined_deg    ? ? 
'X-RAY DIFFRACTION' ? 0.687  3.000  88 ? r_angle_other_deg      ? ? 
'X-RAY DIFFRACTION' ? 4.212  5.000  5  ? r_dihedral_angle_1_deg ? ? 
'X-RAY DIFFRACTION' ? 14.007 23.333 3  ? r_dihedral_angle_2_deg ? ? 
'X-RAY DIFFRACTION' ? 8.865  15.000 5  ? r_dihedral_angle_3_deg ? ? 
'X-RAY DIFFRACTION' ? 0.132  0.200  6  ? r_chiral_restr         ? ? 
'X-RAY DIFFRACTION' ? 0.009  0.020  59 ? r_gen_planes_refined   ? ? 
'X-RAY DIFFRACTION' ? 0.001  0.020  17 ? r_gen_planes_other     ? ? 
'X-RAY DIFFRACTION' ? 5.773  3.000  88 ? r_rigid_bond_restr     ? ? 
'X-RAY DIFFRACTION' ? 2.030  5.000  90 ? r_sphericity_bonded    ? ? 
# 
_refine_ls_shell.pdbx_refine_id                   'X-RAY DIFFRACTION' 
_refine_ls_shell.d_res_high                       1.0020 
_refine_ls_shell.d_res_low                        1.0280 
_refine_ls_shell.number_reflns_all                47 
_refine_ls_shell.number_reflns_obs                ? 
_refine_ls_shell.number_reflns_R_free             5 
_refine_ls_shell.number_reflns_R_work             42 
_refine_ls_shell.percent_reflns_obs               35.0700 
_refine_ls_shell.percent_reflns_R_free            ? 
_refine_ls_shell.R_factor_all                     ? 
_refine_ls_shell.R_factor_obs                     ? 
_refine_ls_shell.R_factor_R_free                  0.1870 
_refine_ls_shell.R_factor_R_free_error            0.0000 
_refine_ls_shell.R_factor_R_work                  0.1320 
_refine_ls_shell.redundancy_reflns_all            ? 
_refine_ls_shell.redundancy_reflns_obs            ? 
_refine_ls_shell.wR_factor_all                    ? 
_refine_ls_shell.wR_factor_obs                    ? 
_refine_ls_shell.wR_factor_R_free                 ? 
_refine_ls_shell.wR_factor_R_work                 ? 
_refine_ls_shell.pdbx_total_number_of_bins_used   20 
_refine_ls_shell.pdbx_phase_error                 ? 
_refine_ls_shell.pdbx_fsc_work                    ? 
_refine_ls_shell.pdbx_fsc_free                    ? 
# 
_struct.entry_id                     5WHP 
_struct.title                        
'Crystal structure of the segment, NFGTFS, from the A315T familial variant of the low complexity domain of TDP-43, residues 312-317' 
_struct.pdbx_model_details           ? 
_struct.pdbx_formula_weight          ? 
_struct.pdbx_formula_weight_method   ? 
_struct.pdbx_model_type_details      ? 
_struct.pdbx_CASP_flag               N 
# 
_struct_keywords.entry_id        5WHP 
_struct_keywords.text            'Amyloid, LARKS, TDP-43, PROTEIN FIBRIL' 
_struct_keywords.pdbx_keywords   'PROTEIN FIBRIL' 
# 
loop_
_struct_asym.id 
_struct_asym.pdbx_blank_PDB_chainid_flag 
_struct_asym.pdbx_modified 
_struct_asym.entity_id 
_struct_asym.details 
A N N 1 ? 
B N N 2 ? 
# 
_struct_ref.id                         1 
_struct_ref.db_name                    UNP 
_struct_ref.db_code                    TADBP_HUMAN 
_struct_ref.pdbx_db_accession          Q13148 
_struct_ref.pdbx_db_isoform            ? 
_struct_ref.entity_id                  1 
_struct_ref.pdbx_seq_one_letter_code   NFGAFS 
_struct_ref.pdbx_align_begin           312 
# 
_struct_ref_seq.align_id                      1 
_struct_ref_seq.ref_id                        1 
_struct_ref_seq.pdbx_PDB_id_code              5WHP 
_struct_ref_seq.pdbx_strand_id                A 
_struct_ref_seq.seq_align_beg                 1 
_struct_ref_seq.pdbx_seq_align_beg_ins_code   ? 
_struct_ref_seq.seq_align_end                 6 
_struct_ref_seq.pdbx_seq_align_end_ins_code   ? 
_struct_ref_seq.pdbx_db_accession             Q13148 
_struct_ref_seq.db_align_beg                  312 
_struct_ref_seq.pdbx_db_align_beg_ins_code    ? 
_struct_ref_seq.db_align_end                  317 
_struct_ref_seq.pdbx_db_align_end_ins_code    ? 
_struct_ref_seq.pdbx_auth_seq_align_beg       312 
_struct_ref_seq.pdbx_auth_seq_align_end       317 
# 
_struct_ref_seq_dif.align_id                     1 
_struct_ref_seq_dif.pdbx_pdb_id_code             5WHP 
_struct_ref_seq_dif.mon_id                       THR 
_struct_ref_seq_dif.pdbx_pdb_strand_id           A 
_struct_ref_seq_dif.seq_num                      4 
_struct_ref_seq_dif.pdbx_pdb_ins_code            ? 
_struct_ref_seq_dif.pdbx_seq_db_name             UNP 
_struct_ref_seq_dif.pdbx_seq_db_accession_code   Q13148 
_struct_ref_seq_dif.db_mon_id                    ALA 
_struct_ref_seq_dif.pdbx_seq_db_seq_num          315 
_struct_ref_seq_dif.details                      'engineered mutation' 
_struct_ref_seq_dif.pdbx_auth_seq_num            315 
_struct_ref_seq_dif.pdbx_ordinal                 1 
# 
_pdbx_struct_assembly.id                   1 
_pdbx_struct_assembly.details              author_defined_assembly 
_pdbx_struct_assembly.method_details       ? 
_pdbx_struct_assembly.oligomeric_details   decameric 
_pdbx_struct_assembly.oligomeric_count     10 
# 
_pdbx_struct_assembly_gen.assembly_id       1 
_pdbx_struct_assembly_gen.oper_expression   1,2,3,4,5,6,7,8,9,10 
_pdbx_struct_assembly_gen.asym_id_list      A,B 
# 
_pdbx_struct_assembly_auth_evidence.id                     1 
_pdbx_struct_assembly_auth_evidence.assembly_id            1 
_pdbx_struct_assembly_auth_evidence.experimental_support   none 
_pdbx_struct_assembly_auth_evidence.details                ? 
# 
loop_
_pdbx_struct_oper_list.id 
_pdbx_struct_oper_list.type 
_pdbx_struct_oper_list.name 
_pdbx_struct_oper_list.symmetry_operation 
_pdbx_struct_oper_list.matrix[1][1] 
_pdbx_struct_oper_list.matrix[1][2] 
_pdbx_struct_oper_list.matrix[1][3] 
_pdbx_struct_oper_list.vector[1] 
_pdbx_struct_oper_list.matrix[2][1] 
_pdbx_struct_oper_list.matrix[2][2] 
_pdbx_struct_oper_list.matrix[2][3] 
_pdbx_struct_oper_list.vector[2] 
_pdbx_struct_oper_list.matrix[3][1] 
_pdbx_struct_oper_list.matrix[3][2] 
_pdbx_struct_oper_list.matrix[3][3] 
_pdbx_struct_oper_list.vector[3] 
1  'identity operation'         1_555 x,y,z         1.0000000000 0.0000000000  0.0000000000 0.0000000000   0.0000000000  1.0000000000  0.0000000000  0.0000000000  0.0000000000 0.0000000000  1.0000000000  0.0000000000  
2  'crystal symmetry operation' 1_535 x,y-2,z       1.0000000000 0.0000000000  0.0000000000 8.7598436245   0.0000000000  1.0000000000  0.0000000000  -2.7083046487 0.0000000000 0.0000000000  1.0000000000  3.1036471455  
3  'crystal symmetry operation' 1_545 x,y-1,z       1.0000000000 0.0000000000  0.0000000000 4.3799218123   0.0000000000  1.0000000000  0.0000000000  -1.3541523243 0.0000000000 0.0000000000  1.0000000000  1.5518235728  
4  'crystal symmetry operation' 1_565 x,y+1,z       1.0000000000 0.0000000000  0.0000000000 -4.3799218123  0.0000000000  1.0000000000  0.0000000000  1.3541523243  0.0000000000 0.0000000000  1.0000000000  -1.5518235728 
5  'crystal symmetry operation' 1_575 x,y+2,z       1.0000000000 0.0000000000  0.0000000000 -8.7598436245  0.0000000000  1.0000000000  0.0000000000  2.7083046487  0.0000000000 0.0000000000  1.0000000000  -3.1036471455 
6  'crystal symmetry operation' 2_625 -x+1,y-5/2,-z 0.6378419406 -0.5063760418 0.5802938593 7.0074373788   -0.5063760418 -0.8434423436 -0.1794110288 -1.0164974351 0.5802938593 -0.1794110288 -0.7943995969 17.0737706768 
7  'crystal symmetry operation' 2_635 -x+1,y-3/2,-z 0.6378419406 -0.5063760418 0.5802938593 2.6275155665   -0.5063760418 -0.8434423436 -0.1794110288 0.3376548892  0.5802938593 -0.1794110288 -0.7943995969 15.5219471041 
8  'crystal symmetry operation' 2_645 -x+1,y-1/2,-z 0.6378419406 -0.5063760418 0.5802938593 -1.7524062458  -0.5063760418 -0.8434423436 -0.1794110288 1.6918072135  0.5802938593 -0.1794110288 -0.7943995969 13.9701235313 
9  'crystal symmetry operation' 2_655 -x+1,y+1/2,-z 0.6378419406 -0.5063760418 0.5802938593 -6.1323280580  -0.5063760418 -0.8434423436 -0.1794110288 3.0459595379  0.5802938593 -0.1794110288 -0.7943995969 12.4182999585 
10 'crystal symmetry operation' 2_665 -x+1,y+3/2,-z 0.6378419406 -0.5063760418 0.5802938593 -10.5122498703 -0.5063760418 -0.8434423436 -0.1794110288 4.4001118622  0.5802938593 -0.1794110288 -0.7943995969 10.8664763858 
# 
loop_
_chem_comp_atom.comp_id 
_chem_comp_atom.atom_id 
_chem_comp_atom.type_symbol 
_chem_comp_atom.pdbx_aromatic_flag 
_chem_comp_atom.pdbx_stereo_config 
_chem_comp_atom.pdbx_ordinal 
ALA N    N N N 1  
ALA CA   C N S 2  
ALA C    C N N 3  
ALA O    O N N 4  
ALA CB   C N N 5  
ALA OXT  O N N 6  
ALA H    H N N 7  
ALA H2   H N N 8  
ALA HA   H N N 9  
ALA HB1  H N N 10 
ALA HB2  H N N 11 
ALA HB3  H N N 12 
ALA HXT  H N N 13 
ASN N    N N N 14 
ASN CA   C N S 15 
ASN C    C N N 16 
ASN O    O N N 17 
ASN CB   C N N 18 
ASN CG   C N N 19 
ASN OD1  O N N 20 
ASN ND2  N N N 21 
ASN OXT  O N N 22 
ASN H    H N N 23 
ASN H2   H N N 24 
ASN HA   H N N 25 
ASN HB2  H N N 26 
ASN HB3  H N N 27 
ASN HD21 H N N 28 
ASN HD22 H N N 29 
ASN HXT  H N N 30 
GLY N    N N N 31 
GLY CA   C N N 32 
GLY C    C N N 33 
GLY O    O N N 34 
GLY OXT  O N N 35 
GLY H    H N N 36 
GLY H2   H N N 37 
GLY HA2  H N N 38 
GLY HA3  H N N 39 
GLY HXT  H N N 40 
HOH O    O N N 41 
HOH H1   H N N 42 
HOH H2   H N N 43 
PHE N    N N N 44 
PHE CA   C N S 45 
PHE C    C N N 46 
PHE O    O N N 47 
PHE CB   C N N 48 
PHE CG   C Y N 49 
PHE CD1  C Y N 50 
PHE CD2  C Y N 51 
PHE CE1  C Y N 52 
PHE CE2  C Y N 53 
PHE CZ   C Y N 54 
PHE OXT  O N N 55 
PHE H    H N N 56 
PHE H2   H N N 57 
PHE HA   H N N 58 
PHE HB2  H N N 59 
PHE HB3  H N N 60 
PHE HD1  H N N 61 
PHE HD2  H N N 62 
PHE HE1  H N N 63 
PHE HE2  H N N 64 
PHE HZ   H N N 65 
PHE HXT  H N N 66 
SER N    N N N 67 
SER CA   C N S 68 
SER C    C N N 69 
SER O    O N N 70 
SER CB   C N N 71 
SER OG   O N N 72 
SER OXT  O N N 73 
SER H    H N N 74 
SER H2   H N N 75 
SER HA   H N N 76 
SER HB2  H N N 77 
SER HB3  H N N 78 
SER HG   H N N 79 
SER HXT  H N N 80 
THR N    N N N 81 
THR CA   C N S 82 
THR C    C N N 83 
THR O    O N N 84 
THR CB   C N R 85 
THR OG1  O N N 86 
THR CG2  C N N 87 
THR OXT  O N N 88 
THR H    H N N 89 
THR H2   H N N 90 
THR HA   H N N 91 
THR HB   H N N 92 
THR HG1  H N N 93 
THR HG21 H N N 94 
THR HG22 H N N 95 
THR HG23 H N N 96 
THR HXT  H N N 97 
# 
loop_
_chem_comp_bond.comp_id 
_chem_comp_bond.atom_id_1 
_chem_comp_bond.atom_id_2 
_chem_comp_bond.value_order 
_chem_comp_bond.pdbx_aromatic_flag 
_chem_comp_bond.pdbx_stereo_config 
_chem_comp_bond.pdbx_ordinal 
ALA N   CA   sing N N 1  
ALA N   H    sing N N 2  
ALA N   H2   sing N N 3  
ALA CA  C    sing N N 4  
ALA CA  CB   sing N N 5  
ALA CA  HA   sing N N 6  
ALA C   O    doub N N 7  
ALA C   OXT  sing N N 8  
ALA CB  HB1  sing N N 9  
ALA CB  HB2  sing N N 10 
ALA CB  HB3  sing N N 11 
ALA OXT HXT  sing N N 12 
ASN N   CA   sing N N 13 
ASN N   H    sing N N 14 
ASN N   H2   sing N N 15 
ASN CA  C    sing N N 16 
ASN CA  CB   sing N N 17 
ASN CA  HA   sing N N 18 
ASN C   O    doub N N 19 
ASN C   OXT  sing N N 20 
ASN CB  CG   sing N N 21 
ASN CB  HB2  sing N N 22 
ASN CB  HB3  sing N N 23 
ASN CG  OD1  doub N N 24 
ASN CG  ND2  sing N N 25 
ASN ND2 HD21 sing N N 26 
ASN ND2 HD22 sing N N 27 
ASN OXT HXT  sing N N 28 
GLY N   CA   sing N N 29 
GLY N   H    sing N N 30 
GLY N   H2   sing N N 31 
GLY CA  C    sing N N 32 
GLY CA  HA2  sing N N 33 
GLY CA  HA3  sing N N 34 
GLY C   O    doub N N 35 
GLY C   OXT  sing N N 36 
GLY OXT HXT  sing N N 37 
HOH O   H1   sing N N 38 
HOH O   H2   sing N N 39 
PHE N   CA   sing N N 40 
PHE N   H    sing N N 41 
PHE N   H2   sing N N 42 
PHE CA  C    sing N N 43 
PHE CA  CB   sing N N 44 
PHE CA  HA   sing N N 45 
PHE C   O    doub N N 46 
PHE C   OXT  sing N N 47 
PHE CB  CG   sing N N 48 
PHE CB  HB2  sing N N 49 
PHE CB  HB3  sing N N 50 
PHE CG  CD1  doub Y N 51 
PHE CG  CD2  sing Y N 52 
PHE CD1 CE1  sing Y N 53 
PHE CD1 HD1  sing N N 54 
PHE CD2 CE2  doub Y N 55 
PHE CD2 HD2  sing N N 56 
PHE CE1 CZ   doub Y N 57 
PHE CE1 HE1  sing N N 58 
PHE CE2 CZ   sing Y N 59 
PHE CE2 HE2  sing N N 60 
PHE CZ  HZ   sing N N 61 
PHE OXT HXT  sing N N 62 
SER N   CA   sing N N 63 
SER N   H    sing N N 64 
SER N   H2   sing N N 65 
SER CA  C    sing N N 66 
SER CA  CB   sing N N 67 
SER CA  HA   sing N N 68 
SER C   O    doub N N 69 
SER C   OXT  sing N N 70 
SER CB  OG   sing N N 71 
SER CB  HB2  sing N N 72 
SER CB  HB3  sing N N 73 
SER OG  HG   sing N N 74 
SER OXT HXT  sing N N 75 
THR N   CA   sing N N 76 
THR N   H    sing N N 77 
THR N   H2   sing N N 78 
THR CA  C    sing N N 79 
THR CA  CB   sing N N 80 
THR CA  HA   sing N N 81 
THR C   O    doub N N 82 
THR C   OXT  sing N N 83 
THR CB  OG1  sing N N 84 
THR CB  CG2  sing N N 85 
THR CB  HB   sing N N 86 
THR OG1 HG1  sing N N 87 
THR CG2 HG21 sing N N 88 
THR CG2 HG22 sing N N 89 
THR CG2 HG23 sing N N 90 
THR OXT HXT  sing N N 91 
# 
_pdbx_audit_support.funding_organization   'National Institutes of Health/National Institute on Aging (NIH/NIA)' 
_pdbx_audit_support.country                'United States' 
_pdbx_audit_support.grant_number           'NIH NIA AG029430' 
_pdbx_audit_support.ordinal                1 
# 
_atom_sites.entry_id                    5WHP 
_atom_sites.fract_transf_matrix[1][1]   -0.00771409 
_atom_sites.fract_transf_matrix[1][2]   -0.05837407 
_atom_sites.fract_transf_matrix[1][3]   -0.02916587 
_atom_sites.fract_transf_matrix[2][1]   -0.18697198 
_atom_sites.fract_transf_matrix[2][2]   0.05780664 
_atom_sites.fract_transf_matrix[2][3]   -0.06624491 
_atom_sites.fract_transf_matrix[3][1]   0.01674983 
_atom_sites.fract_transf_matrix[3][2]   0.01087772 
_atom_sites.fract_transf_matrix[3][3]   -0.03778319 
_atom_sites.fract_transf_vector[1]      0.746348 
_atom_sites.fract_transf_vector[2]      0.077996 
_atom_sites.fract_transf_vector[3]      0.269393 
# 
loop_
_atom_type.symbol 
C 
N 
O 
# 
loop_
_atom_site.group_PDB 
_atom_site.id 
_atom_site.type_symbol 
_atom_site.label_atom_id 
_atom_site.label_alt_id 
_atom_site.label_comp_id 
_atom_site.label_asym_id 
_atom_site.label_entity_id 
_atom_site.label_seq_id 
_atom_site.pdbx_PDB_ins_code 
_atom_site.Cartn_x 
_atom_site.Cartn_y 
_atom_site.Cartn_z 
_atom_site.occupancy 
_atom_site.B_iso_or_equiv 
_atom_site.pdbx_formal_charge 
_atom_site.auth_seq_id 
_atom_site.auth_comp_id 
_atom_site.auth_asym_id 
_atom_site.auth_atom_id 
_atom_site.pdbx_PDB_model_num 
ATOM   1  N N   . ASN A 1 1 ? 3.635  5.445  -0.792 1.00 2.00  ? 312 ASN A N   1 
ATOM   2  C CA  . ASN A 1 1 ? 2.451  4.637  -0.385 1.00 2.00  ? 312 ASN A CA  1 
ATOM   3  C C   . ASN A 1 1 ? 2.612  4.189  1.053  1.00 2.00  ? 312 ASN A C   1 
ATOM   4  O O   . ASN A 1 1 ? 3.720  3.946  1.542  1.00 2.00  ? 312 ASN A O   1 
ATOM   5  C CB  . ASN A 1 1 ? 2.266  3.419  -1.289 1.00 2.18  ? 312 ASN A CB  1 
ATOM   6  C CG  . ASN A 1 1 ? 1.614  3.792  -2.625 1.00 2.27  ? 312 ASN A CG  1 
ATOM   7  O OD1 . ASN A 1 1 ? 1.487  4.961  -2.936 1.00 2.24  ? 312 ASN A OD1 1 
ATOM   8  N ND2 . ASN A 1 1 ? 1.094  2.818  -3.346 1.00 3.89  ? 312 ASN A ND2 1 
ATOM   9  N N   . PHE A 1 2 ? 1.461  4.074  1.723  1.00 2.00  ? 313 PHE A N   1 
ATOM   10 C CA  . PHE A 1 2 ? 1.382  3.596  3.131  1.00 2.00  ? 313 PHE A CA  1 
ATOM   11 C C   . PHE A 1 2 ? 0.262  2.577  3.197  1.00 2.00  ? 313 PHE A C   1 
ATOM   12 O O   . PHE A 1 2 ? -0.875 2.854  2.831  1.00 2.00  ? 313 PHE A O   1 
ATOM   13 C CB  . PHE A 1 2 ? 1.043  4.779  4.031  1.00 2.00  ? 313 PHE A CB  1 
ATOM   14 C CG  . PHE A 1 2 ? 1.036  4.442  5.518  1.00 2.00  ? 313 PHE A CG  1 
ATOM   15 C CD1 . PHE A 1 2 ? -0.001 3.702  6.067  1.00 2.16  ? 313 PHE A CD1 1 
ATOM   16 C CD2 . PHE A 1 2 ? 2.001  4.881  6.346  1.00 2.00  ? 313 PHE A CD2 1 
ATOM   17 C CE1 . PHE A 1 2 ? -0.010 3.405  7.415  1.00 2.04  ? 313 PHE A CE1 1 
ATOM   18 C CE2 . PHE A 1 2 ? 1.999  4.587  7.698  1.00 2.13  ? 313 PHE A CE2 1 
ATOM   19 C CZ  . PHE A 1 2 ? 0.971  3.837  8.223  1.00 2.26  ? 313 PHE A CZ  1 
ATOM   20 N N   . GLY A 1 3 ? 0.580  1.351  3.649  1.00 2.00  ? 314 GLY A N   1 
ATOM   21 C CA  . GLY A 1 3 ? -0.474 0.404  3.886  1.00 2.00  ? 314 GLY A CA  1 
ATOM   22 C C   . GLY A 1 3 ? -1.261 -0.012 2.648  1.00 2.00  ? 314 GLY A C   1 
ATOM   23 O O   . GLY A 1 3 ? -2.479 -0.180 2.716  1.00 2.22  ? 314 GLY A O   1 
ATOM   24 N N   . THR A 1 4 ? -0.567 -0.161 1.522  1.00 2.00  ? 315 THR A N   1 
ATOM   25 C CA  . THR A 1 4 ? -1.178 -0.486 0.248  1.00 2.00  ? 315 THR A CA  1 
ATOM   26 C C   . THR A 1 4 ? -0.824 -1.905 -0.178 1.00 2.00  ? 315 THR A C   1 
ATOM   27 O O   . THR A 1 4 ? 0.202  -2.453 0.226  1.00 2.00  ? 315 THR A O   1 
ATOM   28 C CB  . THR A 1 4 ? -0.742 0.525  -0.836 1.00 2.00  ? 315 THR A CB  1 
ATOM   29 O OG1 . THR A 1 4 ? 0.684  0.450  -1.032 1.00 2.25  ? 315 THR A OG1 1 
ATOM   30 C CG2 . THR A 1 4 ? -1.091 1.963  -0.486 1.00 2.00  ? 315 THR A CG2 1 
ATOM   31 N N   . PHE A 1 5 ? -1.657 -2.415 -1.082 1.00 2.00  ? 316 PHE A N   1 
ATOM   32 C CA  . PHE A 1 5 ? -1.531 -3.765 -1.617 1.00 2.00  ? 316 PHE A CA  1 
ATOM   33 C C   . PHE A 1 5 ? -1.625 -3.698 -3.131 1.00 2.00  ? 316 PHE A C   1 
ATOM   34 O O   . PHE A 1 5 ? -2.577 -3.117 -3.685 1.00 2.00  ? 316 PHE A O   1 
ATOM   35 C CB  . PHE A 1 5 ? -2.691 -4.624 -1.108 1.00 2.00  ? 316 PHE A CB  1 
ATOM   36 C CG  . PHE A 1 5 ? -2.660 -4.783 0.385  1.00 2.00  ? 316 PHE A CG  1 
ATOM   37 C CD1 . PHE A 1 5 ? -3.194 -3.817 1.219  1.00 2.00  ? 316 PHE A CD1 1 
ATOM   38 C CD2 . PHE A 1 5 ? -2.050 -5.911 0.970  1.00 2.00  ? 316 PHE A CD2 1 
ATOM   39 C CE1 . PHE A 1 5 ? -3.105 -3.937 2.594  1.00 2.10  ? 316 PHE A CE1 1 
ATOM   40 C CE2 . PHE A 1 5 ? -2.000 -6.054 2.345  1.00 2.16  ? 316 PHE A CE2 1 
ATOM   41 C CZ  . PHE A 1 5 ? -2.505 -5.055 3.144  1.00 2.06  ? 316 PHE A CZ  1 
ATOM   42 N N   . SER A 1 6 ? -0.667 -4.295 -3.811 1.00 2.37  ? 317 SER A N   1 
ATOM   43 C CA  . SER A 1 6 ? -0.651 -4.385 -5.263 1.00 3.14  ? 317 SER A CA  1 
ATOM   44 C C   . SER A 1 6 ? 0.087  -5.682 -5.697 1.00 4.40  ? 317 SER A C   1 
ATOM   45 O O   . SER A 1 6 ? 0.567  -6.416 -4.824 1.00 3.59  ? 317 SER A O   1 
ATOM   46 C CB  . SER A 1 6 ? -0.058 -3.184 -5.826 1.00 3.82  ? 317 SER A CB  1 
ATOM   47 O OG  . SER A 1 6 ? 1.246  -3.003 -5.467 1.00 5.20  ? 317 SER A OG  1 
ATOM   48 O OXT . SER A 1 6 ? 0.133  -5.902 -6.937 1.00 6.30  ? 317 SER A OXT 1 
HETATM 49 O O   . HOH B 2 . ? -2.744 -0.361 -4.199 1.00 2.95  ? 101 HOH A O   1 
HETATM 50 O O   . HOH B 2 . ? -2.305 -6.692 -3.647 1.00 36.25 ? 102 HOH A O   1 
HETATM 51 O O   . HOH B 2 . ? -0.025 0.028  -4.204 1.00 5.06  ? 103 HOH A O   1 
# 
loop_
_atom_site_anisotrop.id 
_atom_site_anisotrop.type_symbol 
_atom_site_anisotrop.pdbx_label_atom_id 
_atom_site_anisotrop.pdbx_label_alt_id 
_atom_site_anisotrop.pdbx_label_comp_id 
_atom_site_anisotrop.pdbx_label_asym_id 
_atom_site_anisotrop.pdbx_label_seq_id 
_atom_site_anisotrop.pdbx_PDB_ins_code 
_atom_site_anisotrop.U[1][1] 
_atom_site_anisotrop.U[2][2] 
_atom_site_anisotrop.U[3][3] 
_atom_site_anisotrop.U[1][2] 
_atom_site_anisotrop.U[1][3] 
_atom_site_anisotrop.U[2][3] 
_atom_site_anisotrop.pdbx_auth_seq_id 
_atom_site_anisotrop.pdbx_auth_comp_id 
_atom_site_anisotrop.pdbx_auth_asym_id 
_atom_site_anisotrop.pdbx_auth_atom_id 
1  N N   . ASN A 1 ? 0.0253 0.0253 0.0253 0.0000  0.0000  0.0000  312 ASN A N   
2  C CA  . ASN A 1 ? 0.0253 0.0253 0.0253 0.0000  0.0000  0.0000  312 ASN A CA  
3  C C   . ASN A 1 ? 0.0253 0.0253 0.0253 0.0000  0.0000  0.0000  312 ASN A C   
4  O O   . ASN A 1 ? 0.0253 0.0253 0.0253 0.0000  0.0000  0.0000  312 ASN A O   
5  C CB  . ASN A 1 ? 0.0316 0.0256 0.0253 -0.0014 -0.0001 0.0000  312 ASN A CB  
6  C CG  . ASN A 1 ? 0.0310 0.0298 0.0254 -0.0050 0.0009  -0.0008 312 ASN A CG  
7  O OD1 . ASN A 1 ? 0.0292 0.0304 0.0254 0.0044  0.0001  0.0000  312 ASN A OD1 
8  N ND2 . ASN A 1 ? 0.0735 0.0432 0.0308 -0.0036 -0.0116 -0.0047 312 ASN A ND2 
9  N N   . PHE A 2 ? 0.0253 0.0253 0.0253 0.0000  0.0000  0.0000  313 PHE A N   
10 C CA  . PHE A 2 ? 0.0253 0.0253 0.0253 0.0000  0.0000  0.0000  313 PHE A CA  
11 C C   . PHE A 2 ? 0.0253 0.0253 0.0253 0.0000  0.0000  0.0000  313 PHE A C   
12 O O   . PHE A 2 ? 0.0253 0.0253 0.0253 0.0000  0.0000  0.0000  313 PHE A O   
13 C CB  . PHE A 2 ? 0.0253 0.0253 0.0253 0.0000  0.0000  0.0000  313 PHE A CB  
14 C CG  . PHE A 2 ? 0.0253 0.0253 0.0253 0.0000  0.0000  0.0000  313 PHE A CG  
15 C CD1 . PHE A 2 ? 0.0259 0.0305 0.0256 -0.0018 0.0004  -0.0012 313 PHE A CD1 
16 C CD2 . PHE A 2 ? 0.0253 0.0253 0.0253 0.0000  0.0000  0.0000  313 PHE A CD2 
17 C CE1 . PHE A 2 ? 0.0265 0.0254 0.0255 -0.0003 0.0004  -0.0001 313 PHE A CE1 
18 C CE2 . PHE A 2 ? 0.0294 0.0253 0.0261 0.0003  -0.0017 -0.0002 313 PHE A CE2 
19 C CZ  . PHE A 2 ? 0.0349 0.0257 0.0253 0.0017  -0.0005 -0.0001 313 PHE A CZ  
20 N N   . GLY A 3 ? 0.0253 0.0253 0.0253 0.0000  0.0000  0.0000  314 GLY A N   
21 C CA  . GLY A 3 ? 0.0253 0.0253 0.0253 0.0000  0.0000  0.0000  314 GLY A CA  
22 C C   . GLY A 3 ? 0.0253 0.0253 0.0253 0.0000  0.0000  0.0000  314 GLY A C   
23 O O   . GLY A 3 ? 0.0265 0.0324 0.0253 -0.0028 0.0000  0.0000  314 GLY A O   
24 N N   . THR A 4 ? 0.0253 0.0253 0.0253 0.0000  0.0000  0.0000  315 THR A N   
25 C CA  . THR A 4 ? 0.0253 0.0253 0.0253 0.0000  0.0000  0.0000  315 THR A CA  
26 C C   . THR A 4 ? 0.0253 0.0253 0.0253 0.0000  0.0000  0.0000  315 THR A C   
27 O O   . THR A 4 ? 0.0253 0.0253 0.0253 0.0000  0.0000  0.0000  315 THR A O   
28 C CB  . THR A 4 ? 0.0253 0.0253 0.0253 0.0000  0.0000  0.0000  315 THR A CB  
29 O OG1 . THR A 4 ? 0.0266 0.0279 0.0307 0.0019  0.0027  0.0037  315 THR A OG1 
30 C CG2 . THR A 4 ? 0.0253 0.0253 0.0253 0.0000  0.0000  0.0000  315 THR A CG2 
31 N N   . PHE A 5 ? 0.0253 0.0253 0.0253 0.0000  0.0000  0.0000  316 PHE A N   
32 C CA  . PHE A 5 ? 0.0253 0.0253 0.0253 0.0000  0.0000  0.0000  316 PHE A CA  
33 C C   . PHE A 5 ? 0.0253 0.0253 0.0253 0.0000  0.0000  0.0000  316 PHE A C   
34 O O   . PHE A 5 ? 0.0253 0.0253 0.0253 0.0000  0.0000  0.0000  316 PHE A O   
35 C CB  . PHE A 5 ? 0.0253 0.0253 0.0253 0.0000  0.0000  0.0000  316 PHE A CB  
36 C CG  . PHE A 5 ? 0.0253 0.0253 0.0253 0.0000  0.0000  0.0000  316 PHE A CG  
37 C CD1 . PHE A 5 ? 0.0253 0.0253 0.0253 0.0000  0.0000  0.0000  316 PHE A CD1 
38 C CD2 . PHE A 5 ? 0.0253 0.0253 0.0253 0.0000  0.0000  0.0000  316 PHE A CD2 
39 C CE1 . PHE A 5 ? 0.0263 0.0258 0.0274 -0.0007 0.0015  -0.0010 316 PHE A CE1 
40 C CE2 . PHE A 5 ? 0.0262 0.0271 0.0287 -0.0012 -0.0018 0.0024  316 PHE A CE2 
41 C CZ  . PHE A 5 ? 0.0257 0.0268 0.0254 -0.0007 0.0002  -0.0003 316 PHE A CZ  
42 N N   . SER A 6 ? 0.0284 0.0358 0.0256 0.0057  -0.0009 -0.0018 317 SER A N   
43 C CA  . SER A 6 ? 0.0269 0.0651 0.0270 0.0079  -0.0017 -0.0082 317 SER A CA  
44 C C   . SER A 6 ? 0.0645 0.0687 0.0338 0.0219  0.0058  -0.0060 317 SER A C   
45 O O   . SER A 6 ? 0.0588 0.0324 0.0451 0.0074  -0.0027 -0.0109 317 SER A O   
46 C CB  . SER A 6 ? 0.0483 0.0527 0.0443 0.0197  0.0023  0.0001  317 SER A CB  
47 O OG  . SER A 6 ? 0.0624 0.0698 0.0653 0.0037  0.0121  0.0196  317 SER A OG  
48 O OXT . SER A 6 ? 0.0982 0.0902 0.0508 0.0474  0.0077  -0.0141 317 SER A OXT 
49 O O   . HOH B . ? 0.0339 0.0310 0.0471 0.0039  0.0127  0.0092  101 HOH A O   
50 O O   . HOH B . ? 0.4516 0.4704 0.4551 -0.0429 0.0366  -0.1340 102 HOH A O   
51 O O   . HOH B . ? 0.0650 0.0787 0.0486 -0.0146 0.0025  0.0040  103 HOH A O   
# 
